data_3MBM
#
_entry.id   3MBM
#
_cell.length_a   117.543
_cell.length_b   67.569
_cell.length_c   60.030
_cell.angle_alpha   90.000
_cell.angle_beta   96.120
_cell.angle_gamma   90.000
#
_symmetry.space_group_name_H-M   'C 1 2 1'
#
loop_
_entity.id
_entity.type
_entity.pdbx_description
1 polymer '2-C-methyl-D-erythritol 2,4-cyclodiphosphate synthase'
2 non-polymer 'ZINC ION'
3 non-polymer 6-AMINOPYRIMIDIN-2(1H)-ONE
4 non-polymer imidazo[2,1-b][1,3]thiazol-6-ylmethanol
5 non-polymer 2-AMINO-2-HYDROXYMETHYL-PROPANE-1,3-DIOL
6 water water
#
_entity_poly.entity_id   1
_entity_poly.type   'polypeptide(L)'
_entity_poly.pdbx_seq_one_letter_code
;MAHHHHHHMGTLEAQTQGPGSMDFRIGQGYDVHQLVPGRPLIIGGVTIPYERGLLGHSDADVLLHAITDALFGAAALGDI
GRHFSDTDPRFKGADSRALLRECASRVAQAGFAIRNVDSTIIAQAPKLAPHIDAMRANIAADLDLPLDRVNVKAKTNEKL
GYLGRGEGIEAQAAALVVREAAA
;
_entity_poly.pdbx_strand_id   A,B,C
#
# COMPACT_ATOMS: atom_id res chain seq x y z
N MET A 22 -23.03 9.04 -0.95
CA MET A 22 -21.70 9.36 -0.36
C MET A 22 -21.14 8.20 0.43
N ASP A 23 -21.58 6.98 0.12
CA ASP A 23 -21.10 5.78 0.81
C ASP A 23 -19.84 5.27 0.11
N PHE A 24 -18.75 6.02 0.27
CA PHE A 24 -17.47 5.69 -0.38
C PHE A 24 -16.76 4.60 0.38
N ARG A 25 -15.93 3.82 -0.31
CA ARG A 25 -15.10 2.82 0.31
C ARG A 25 -13.79 2.76 -0.45
N ILE A 26 -12.71 2.46 0.24
CA ILE A 26 -11.42 2.28 -0.41
C ILE A 26 -10.92 0.85 -0.27
N GLY A 27 -10.10 0.44 -1.21
CA GLY A 27 -9.48 -0.86 -1.14
C GLY A 27 -8.05 -0.75 -1.58
N GLN A 28 -7.24 -1.74 -1.20
CA GLN A 28 -5.83 -1.79 -1.56
C GLN A 28 -5.49 -3.20 -1.98
N GLY A 29 -4.50 -3.31 -2.86
CA GLY A 29 -4.05 -4.62 -3.29
C GLY A 29 -2.56 -4.73 -3.44
N TYR A 30 -2.10 -5.98 -3.34
CA TYR A 30 -0.69 -6.37 -3.45
C TYR A 30 -0.56 -7.64 -4.28
N ASP A 31 0.45 -7.74 -5.13
CA ASP A 31 0.79 -9.02 -5.73
C ASP A 31 2.26 -9.07 -6.15
N VAL A 32 2.82 -10.28 -6.15
CA VAL A 32 4.17 -10.49 -6.70
C VAL A 32 4.22 -11.87 -7.38
N HIS A 33 4.95 -11.96 -8.48
CA HIS A 33 5.19 -13.25 -9.12
C HIS A 33 6.64 -13.31 -9.53
N GLN A 34 7.18 -14.55 -9.60
CA GLN A 34 8.52 -14.74 -10.08
C GLN A 34 8.63 -14.49 -11.57
N LEU A 35 9.79 -14.03 -11.99
CA LEU A 35 10.12 -13.83 -13.38
C LEU A 35 11.01 -15.03 -13.80
N VAL A 36 10.54 -15.82 -14.77
CA VAL A 36 11.18 -17.06 -15.19
C VAL A 36 11.29 -17.14 -16.71
N PRO A 37 12.24 -17.95 -17.20
CA PRO A 37 12.28 -18.25 -18.63
C PRO A 37 11.06 -19.05 -19.09
N GLY A 38 10.72 -18.89 -20.37
CA GLY A 38 9.73 -19.74 -21.03
C GLY A 38 8.27 -19.40 -20.76
N ARG A 39 8.01 -18.17 -20.31
CA ARG A 39 6.66 -17.68 -20.07
C ARG A 39 6.45 -16.34 -20.76
N PRO A 40 5.21 -16.08 -21.22
CA PRO A 40 4.81 -14.76 -21.69
C PRO A 40 4.93 -13.75 -20.57
N LEU A 41 5.48 -12.59 -20.85
CA LEU A 41 5.37 -11.46 -19.91
C LEU A 41 4.09 -10.67 -20.21
N ILE A 42 3.07 -10.84 -19.36
CA ILE A 42 1.79 -10.13 -19.50
C ILE A 42 1.53 -9.28 -18.25
N ILE A 43 1.56 -7.97 -18.42
CA ILE A 43 1.29 -7.05 -17.31
C ILE A 43 0.25 -6.01 -17.80
N GLY A 44 -0.81 -5.83 -17.01
CA GLY A 44 -1.90 -4.91 -17.38
C GLY A 44 -2.56 -5.33 -18.67
N GLY A 45 -2.55 -6.63 -18.93
CA GLY A 45 -3.13 -7.23 -20.16
C GLY A 45 -2.25 -7.10 -21.39
N VAL A 46 -1.09 -6.45 -21.24
CA VAL A 46 -0.16 -6.21 -22.36
C VAL A 46 0.89 -7.30 -22.42
N THR A 47 1.00 -7.97 -23.58
CA THR A 47 2.11 -8.90 -23.81
C THR A 47 3.32 -8.07 -24.21
N ILE A 48 4.35 -8.09 -23.35
CA ILE A 48 5.55 -7.30 -23.52
C ILE A 48 6.66 -8.22 -24.01
N PRO A 49 7.30 -7.85 -25.14
CA PRO A 49 8.43 -8.63 -25.62
C PRO A 49 9.52 -8.71 -24.57
N TYR A 50 9.87 -9.92 -24.17
CA TYR A 50 10.88 -10.14 -23.14
C TYR A 50 11.23 -11.61 -23.13
N GLU A 51 12.48 -11.91 -22.75
CA GLU A 51 12.98 -13.27 -22.69
C GLU A 51 12.46 -14.09 -21.51
N ARG A 52 11.86 -13.42 -20.52
CA ARG A 52 11.26 -14.10 -19.38
C ARG A 52 9.81 -13.62 -19.21
N GLY A 53 9.07 -14.31 -18.35
CA GLY A 53 7.71 -13.95 -18.05
C GLY A 53 7.35 -14.33 -16.63
N LEU A 54 6.12 -14.03 -16.25
CA LEU A 54 5.69 -14.20 -14.88
C LEU A 54 5.09 -15.60 -14.68
N LEU A 55 5.54 -16.25 -13.61
CA LEU A 55 5.15 -17.61 -13.30
C LEU A 55 3.92 -17.55 -12.40
N GLY A 56 2.87 -18.24 -12.82
CA GLY A 56 1.66 -18.41 -12.00
C GLY A 56 0.74 -19.44 -12.62
N HIS A 57 -0.36 -19.73 -11.95
CA HIS A 57 -1.34 -20.70 -12.40
C HIS A 57 -2.10 -20.14 -13.60
N SER A 58 -2.54 -18.88 -13.48
CA SER A 58 -3.17 -18.15 -14.54
C SER A 58 -2.08 -17.56 -15.42
N ASP A 59 -2.43 -16.56 -16.24
CA ASP A 59 -1.43 -15.82 -17.01
C ASP A 59 -0.51 -14.98 -16.12
N ALA A 60 -0.79 -14.94 -14.82
CA ALA A 60 0.15 -14.41 -13.83
C ALA A 60 0.34 -12.90 -13.95
N ASP A 61 -0.72 -12.22 -14.40
CA ASP A 61 -0.68 -10.76 -14.60
C ASP A 61 -0.73 -10.06 -13.24
N VAL A 62 0.44 -9.68 -12.75
CA VAL A 62 0.60 -9.20 -11.39
C VAL A 62 -0.22 -7.90 -11.14
N LEU A 63 -0.22 -7.07 -12.14
CA LEU A 63 -0.90 -5.76 -12.04
C LEU A 63 -2.40 -5.95 -11.96
N LEU A 64 -2.96 -6.73 -12.89
CA LEU A 64 -4.40 -6.95 -12.86
C LEU A 64 -4.85 -7.63 -11.54
N HIS A 65 -4.05 -8.58 -11.05
CA HIS A 65 -4.34 -9.24 -9.79
C HIS A 65 -4.43 -8.22 -8.62
N ALA A 66 -3.43 -7.36 -8.54
CA ALA A 66 -3.38 -6.33 -7.49
C ALA A 66 -4.62 -5.45 -7.56
N ILE A 67 -4.97 -5.00 -8.77
CA ILE A 67 -6.18 -4.15 -8.93
C ILE A 67 -7.47 -4.91 -8.54
N THR A 68 -7.54 -6.16 -8.95
CA THR A 68 -8.67 -7.02 -8.66
C THR A 68 -8.85 -7.14 -7.14
N ASP A 69 -7.74 -7.34 -6.42
CA ASP A 69 -7.77 -7.41 -4.97
C ASP A 69 -8.21 -6.10 -4.35
N ALA A 70 -7.73 -4.96 -4.88
CA ALA A 70 -8.20 -3.65 -4.37
C ALA A 70 -9.71 -3.45 -4.54
N LEU A 71 -10.26 -3.87 -5.67
CA LEU A 71 -11.68 -3.75 -5.92
C LEU A 71 -12.51 -4.69 -5.02
N PHE A 72 -12.13 -5.97 -4.96
CA PHE A 72 -12.79 -6.90 -4.00
C PHE A 72 -12.69 -6.37 -2.58
N GLY A 73 -11.52 -5.82 -2.27
CA GLY A 73 -11.29 -5.29 -0.94
C GLY A 73 -12.16 -4.10 -0.64
N ALA A 74 -12.26 -3.14 -1.57
CA ALA A 74 -13.17 -1.95 -1.39
C ALA A 74 -14.64 -2.36 -1.19
N ALA A 75 -15.06 -3.42 -1.87
CA ALA A 75 -16.44 -3.93 -1.79
C ALA A 75 -16.65 -4.89 -0.61
N ALA A 76 -15.58 -5.14 0.17
CA ALA A 76 -15.58 -6.15 1.23
C ALA A 76 -16.07 -7.53 0.77
N LEU A 77 -15.58 -7.95 -0.39
CA LEU A 77 -15.92 -9.25 -0.95
C LEU A 77 -14.82 -10.30 -0.84
N GLY A 78 -13.84 -10.07 0.04
CA GLY A 78 -12.74 -11.03 0.24
C GLY A 78 -11.60 -10.70 -0.72
N ASP A 79 -11.16 -11.69 -1.49
CA ASP A 79 -9.96 -11.52 -2.29
C ASP A 79 -9.94 -12.43 -3.51
N ILE A 80 -8.98 -12.16 -4.39
CA ILE A 80 -8.87 -12.88 -5.62
C ILE A 80 -8.44 -14.34 -5.45
N GLY A 81 -7.66 -14.60 -4.40
CA GLY A 81 -7.28 -15.98 -4.05
C GLY A 81 -8.52 -16.82 -3.81
N ARG A 82 -9.55 -16.18 -3.25
CA ARG A 82 -10.80 -16.81 -2.99
C ARG A 82 -11.71 -16.93 -4.22
N HIS A 83 -11.91 -15.83 -4.94
CA HIS A 83 -12.82 -15.83 -6.09
C HIS A 83 -12.24 -16.66 -7.23
N PHE A 84 -10.93 -16.54 -7.47
CA PHE A 84 -10.27 -17.13 -8.66
C PHE A 84 -9.03 -17.97 -8.25
N SER A 85 -9.33 -19.07 -7.59
CA SER A 85 -8.34 -19.84 -6.82
C SER A 85 -7.22 -20.47 -7.66
N ASP A 86 -5.98 -20.31 -7.21
CA ASP A 86 -4.83 -20.89 -7.91
C ASP A 86 -4.74 -22.41 -7.72
N THR A 87 -5.67 -22.97 -6.95
CA THR A 87 -5.83 -24.43 -6.81
C THR A 87 -6.92 -25.04 -7.74
N ASP A 88 -7.72 -24.19 -8.40
CA ASP A 88 -8.82 -24.67 -9.25
C ASP A 88 -8.34 -24.77 -10.71
N PRO A 89 -8.42 -25.98 -11.31
CA PRO A 89 -7.86 -26.15 -12.67
C PRO A 89 -8.53 -25.31 -13.79
N ARG A 90 -9.73 -24.77 -13.54
CA ARG A 90 -10.41 -23.96 -14.55
C ARG A 90 -9.69 -22.62 -14.84
N PHE A 91 -8.87 -22.18 -13.90
CA PHE A 91 -8.11 -20.94 -14.06
C PHE A 91 -6.65 -21.20 -14.52
N LYS A 92 -6.29 -22.44 -14.89
CA LYS A 92 -4.93 -22.67 -15.40
C LYS A 92 -4.82 -21.87 -16.71
N GLY A 93 -3.83 -21.01 -16.80
CA GLY A 93 -3.68 -20.13 -17.97
C GLY A 93 -4.79 -19.10 -18.18
N ALA A 94 -5.65 -18.90 -17.16
CA ALA A 94 -6.73 -17.89 -17.22
C ALA A 94 -6.23 -16.50 -17.62
N ASP A 95 -6.99 -15.89 -18.52
CA ASP A 95 -6.89 -14.47 -18.90
C ASP A 95 -7.30 -13.60 -17.71
N SER A 96 -6.33 -12.89 -17.15
CA SER A 96 -6.58 -12.06 -16.01
C SER A 96 -7.46 -10.85 -16.29
N ARG A 97 -7.60 -10.47 -17.57
CA ARG A 97 -8.58 -9.45 -17.92
C ARG A 97 -10.00 -9.94 -17.77
N ALA A 98 -10.24 -11.18 -18.21
CA ALA A 98 -11.50 -11.85 -17.92
C ALA A 98 -11.84 -11.92 -16.43
N LEU A 99 -10.84 -12.22 -15.60
CA LEU A 99 -11.02 -12.23 -14.18
C LEU A 99 -11.34 -10.83 -13.64
N LEU A 100 -10.67 -9.81 -14.19
CA LEU A 100 -10.89 -8.45 -13.73
C LEU A 100 -12.29 -8.00 -14.08
N ARG A 101 -12.75 -8.38 -15.27
CA ARG A 101 -14.11 -8.04 -15.67
C ARG A 101 -15.15 -8.76 -14.84
N GLU A 102 -14.88 -10.00 -14.44
CA GLU A 102 -15.81 -10.70 -13.56
C GLU A 102 -15.86 -10.06 -12.15
N CYS A 103 -14.68 -9.68 -11.66
CA CYS A 103 -14.55 -8.93 -10.40
C CYS A 103 -15.40 -7.68 -10.47
N ALA A 104 -15.22 -6.88 -11.52
CA ALA A 104 -16.03 -5.67 -11.71
C ALA A 104 -17.56 -5.94 -11.72
N SER A 105 -17.97 -7.07 -12.30
CA SER A 105 -19.36 -7.48 -12.33
CA SER A 105 -19.38 -7.43 -12.33
C SER A 105 -19.88 -7.81 -10.93
N ARG A 106 -19.05 -8.51 -10.17
CA ARG A 106 -19.46 -8.88 -8.81
C ARG A 106 -19.48 -7.63 -7.92
N VAL A 107 -18.53 -6.73 -8.12
CA VAL A 107 -18.51 -5.44 -7.39
C VAL A 107 -19.77 -4.62 -7.69
N ALA A 108 -20.13 -4.54 -8.97
CA ALA A 108 -21.37 -3.89 -9.39
C ALA A 108 -22.59 -4.57 -8.77
N GLN A 109 -22.59 -5.90 -8.77
CA GLN A 109 -23.73 -6.67 -8.23
C GLN A 109 -23.89 -6.51 -6.72
N ALA A 110 -22.78 -6.26 -6.05
CA ALA A 110 -22.80 -5.90 -4.64
C ALA A 110 -23.33 -4.50 -4.43
N GLY A 111 -23.44 -3.71 -5.50
CA GLY A 111 -24.09 -2.38 -5.43
C GLY A 111 -23.12 -1.20 -5.56
N PHE A 112 -21.86 -1.47 -5.93
CA PHE A 112 -20.82 -0.45 -5.95
C PHE A 112 -20.52 0.01 -7.38
N ALA A 113 -20.25 1.30 -7.53
CA ALA A 113 -19.76 1.89 -8.76
C ALA A 113 -18.29 2.24 -8.54
N ILE A 114 -17.43 1.96 -9.50
CA ILE A 114 -16.02 2.27 -9.34
C ILE A 114 -15.74 3.73 -9.74
N ARG A 115 -15.00 4.45 -8.90
CA ARG A 115 -14.69 5.87 -9.16
C ARG A 115 -13.29 6.10 -9.71
N ASN A 116 -12.31 5.44 -9.13
CA ASN A 116 -10.98 5.43 -9.73
C ASN A 116 -10.08 4.31 -9.24
N VAL A 117 -9.03 4.08 -10.02
CA VAL A 117 -8.00 3.09 -9.70
C VAL A 117 -6.64 3.71 -9.92
N ASP A 118 -5.73 3.46 -8.98
CA ASP A 118 -4.33 3.85 -9.10
C ASP A 118 -3.47 2.63 -8.80
N SER A 119 -2.26 2.61 -9.33
CA SER A 119 -1.43 1.42 -9.18
C SER A 119 0.02 1.70 -9.43
N THR A 120 0.86 0.77 -8.97
CA THR A 120 2.32 0.85 -9.19
C THR A 120 2.82 -0.56 -9.57
N ILE A 121 3.72 -0.63 -10.55
CA ILE A 121 4.47 -1.84 -10.88
C ILE A 121 5.90 -1.57 -10.50
N ILE A 122 6.53 -2.53 -9.84
CA ILE A 122 7.93 -2.44 -9.48
C ILE A 122 8.74 -3.54 -10.18
N ALA A 123 9.67 -3.13 -11.05
CA ALA A 123 10.47 -4.04 -11.85
C ALA A 123 11.81 -3.45 -12.24
N GLN A 124 12.86 -4.26 -12.11
CA GLN A 124 14.19 -3.85 -12.57
C GLN A 124 14.15 -3.69 -14.09
N ALA A 125 13.42 -4.58 -14.75
CA ALA A 125 13.35 -4.67 -16.21
C ALA A 125 12.17 -5.55 -16.61
N PRO A 126 11.73 -5.46 -17.87
CA PRO A 126 12.17 -4.54 -18.92
C PRO A 126 11.62 -3.17 -18.66
N LYS A 127 11.91 -2.25 -19.58
CA LYS A 127 11.37 -0.90 -19.51
C LYS A 127 9.86 -0.94 -19.74
N LEU A 128 9.10 -0.44 -18.77
CA LEU A 128 7.65 -0.51 -18.82
C LEU A 128 6.98 0.72 -19.41
N ALA A 129 7.68 1.86 -19.36
CA ALA A 129 7.09 3.13 -19.80
C ALA A 129 6.39 3.06 -21.17
N PRO A 130 6.99 2.38 -22.17
CA PRO A 130 6.36 2.33 -23.50
C PRO A 130 5.02 1.56 -23.58
N HIS A 131 4.69 0.85 -22.49
CA HIS A 131 3.50 0.01 -22.41
C HIS A 131 2.45 0.48 -21.44
N ILE A 132 2.74 1.54 -20.68
CA ILE A 132 1.88 1.94 -19.57
C ILE A 132 0.52 2.42 -20.12
N ASP A 133 0.57 3.20 -21.19
CA ASP A 133 -0.68 3.73 -21.73
C ASP A 133 -1.60 2.60 -22.23
N ALA A 134 -1.01 1.56 -22.79
CA ALA A 134 -1.80 0.44 -23.24
C ALA A 134 -2.41 -0.31 -22.06
N MET A 135 -1.66 -0.39 -20.97
CA MET A 135 -2.20 -1.04 -19.73
C MET A 135 -3.38 -0.28 -19.16
N ARG A 136 -3.21 1.03 -19.04
CA ARG A 136 -4.29 1.92 -18.63
C ARG A 136 -5.54 1.74 -19.47
N ALA A 137 -5.36 1.70 -20.79
CA ALA A 137 -6.51 1.48 -21.70
C ALA A 137 -7.24 0.15 -21.49
N ASN A 138 -6.50 -0.92 -21.22
CA ASN A 138 -7.09 -2.22 -20.95
C ASN A 138 -7.88 -2.22 -19.66
N ILE A 139 -7.28 -1.64 -18.63
CA ILE A 139 -7.95 -1.58 -17.31
C ILE A 139 -9.23 -0.75 -17.43
N ALA A 140 -9.13 0.40 -18.08
CA ALA A 140 -10.29 1.28 -18.33
C ALA A 140 -11.40 0.54 -19.07
N ALA A 141 -11.02 -0.19 -20.10
CA ALA A 141 -11.98 -0.95 -20.87
C ALA A 141 -12.64 -2.00 -19.98
N ASP A 142 -11.87 -2.69 -19.16
CA ASP A 142 -12.40 -3.80 -18.36
C ASP A 142 -13.30 -3.32 -17.25
N LEU A 143 -13.03 -2.13 -16.72
CA LEU A 143 -13.79 -1.55 -15.64
C LEU A 143 -14.90 -0.59 -16.11
N ASP A 144 -15.01 -0.44 -17.43
CA ASP A 144 -15.89 0.55 -18.08
C ASP A 144 -15.70 1.94 -17.48
N LEU A 145 -14.46 2.37 -17.41
CA LEU A 145 -14.12 3.70 -16.95
C LEU A 145 -13.50 4.52 -18.05
N PRO A 146 -13.66 5.84 -17.98
CA PRO A 146 -12.80 6.67 -18.83
C PRO A 146 -11.33 6.52 -18.43
N LEU A 147 -10.44 6.74 -19.39
CA LEU A 147 -9.01 6.69 -19.14
C LEU A 147 -8.57 7.59 -18.00
N ASP A 148 -9.23 8.73 -17.84
CA ASP A 148 -8.86 9.73 -16.81
C ASP A 148 -9.17 9.31 -15.36
N ARG A 149 -9.77 8.12 -15.16
CA ARG A 149 -10.03 7.57 -13.84
C ARG A 149 -9.14 6.34 -13.57
N VAL A 150 -8.15 6.13 -14.43
CA VAL A 150 -7.24 4.97 -14.32
C VAL A 150 -5.81 5.42 -14.41
N ASN A 151 -4.99 4.97 -13.46
CA ASN A 151 -3.57 5.31 -13.46
C ASN A 151 -2.69 4.10 -13.15
N VAL A 152 -1.58 4.02 -13.86
CA VAL A 152 -0.54 3.00 -13.65
C VAL A 152 0.82 3.69 -13.64
N LYS A 153 1.61 3.39 -12.60
CA LYS A 153 2.89 4.02 -12.38
C LYS A 153 3.97 2.93 -12.39
N ALA A 154 5.16 3.28 -12.85
CA ALA A 154 6.28 2.34 -12.96
C ALA A 154 7.42 2.81 -12.08
N LYS A 155 8.05 1.87 -11.42
CA LYS A 155 9.14 2.12 -10.50
C LYS A 155 10.17 1.01 -10.67
N THR A 156 11.46 1.33 -10.55
CA THR A 156 12.46 0.32 -10.19
C THR A 156 12.47 0.22 -8.68
N ASN A 157 13.21 -0.77 -8.17
CA ASN A 157 13.43 -0.87 -6.74
C ASN A 157 14.81 -0.37 -6.34
N GLU A 158 15.41 0.48 -7.18
CA GLU A 158 16.74 1.05 -6.98
C GLU A 158 17.76 -0.01 -6.62
N LYS A 159 17.69 -1.11 -7.36
CA LYS A 159 18.63 -2.22 -7.26
C LYS A 159 18.58 -3.03 -5.96
N LEU A 160 17.55 -2.81 -5.11
CA LEU A 160 17.49 -3.47 -3.81
C LEU A 160 16.67 -4.75 -3.81
N GLY A 161 17.20 -5.80 -3.16
CA GLY A 161 16.42 -6.98 -2.85
C GLY A 161 16.08 -7.83 -4.06
N TYR A 162 15.18 -8.79 -3.87
CA TYR A 162 14.82 -9.69 -4.98
C TYR A 162 14.24 -8.96 -6.17
N LEU A 163 13.57 -7.81 -5.96
CA LEU A 163 13.08 -7.05 -7.09
C LEU A 163 14.24 -6.43 -7.84
N GLY A 164 15.20 -5.89 -7.09
CA GLY A 164 16.40 -5.31 -7.72
C GLY A 164 17.25 -6.33 -8.47
N ARG A 165 17.19 -7.58 -8.04
CA ARG A 165 17.90 -8.69 -8.69
C ARG A 165 17.13 -9.28 -9.89
N GLY A 166 15.95 -8.74 -10.14
CA GLY A 166 15.10 -9.18 -11.25
C GLY A 166 14.47 -10.56 -11.09
N GLU A 167 14.23 -10.97 -9.84
CA GLU A 167 13.71 -12.30 -9.56
C GLU A 167 12.19 -12.37 -9.67
N GLY A 168 11.56 -11.22 -9.54
CA GLY A 168 10.12 -11.11 -9.62
C GLY A 168 9.71 -9.67 -9.95
N ILE A 169 8.43 -9.50 -10.20
CA ILE A 169 7.82 -8.20 -10.39
C ILE A 169 6.65 -8.08 -9.41
N GLU A 170 6.48 -6.89 -8.82
CA GLU A 170 5.47 -6.61 -7.81
C GLU A 170 4.50 -5.57 -8.38
N ALA A 171 3.25 -5.64 -7.95
CA ALA A 171 2.29 -4.56 -8.21
C ALA A 171 1.53 -4.19 -6.93
N GLN A 172 1.19 -2.91 -6.83
CA GLN A 172 0.36 -2.37 -5.76
C GLN A 172 -0.82 -1.65 -6.40
N ALA A 173 -1.97 -1.67 -5.76
CA ALA A 173 -3.12 -0.91 -6.27
C ALA A 173 -3.96 -0.28 -5.19
N ALA A 174 -4.68 0.77 -5.55
CA ALA A 174 -5.69 1.39 -4.70
C ALA A 174 -6.92 1.64 -5.56
N ALA A 175 -8.09 1.48 -4.96
CA ALA A 175 -9.35 1.73 -5.63
C ALA A 175 -10.32 2.45 -4.70
N LEU A 176 -11.07 3.38 -5.27
CA LEU A 176 -12.20 4.02 -4.65
C LEU A 176 -13.49 3.62 -5.36
N VAL A 177 -14.47 3.19 -4.58
CA VAL A 177 -15.79 2.84 -5.10
C VAL A 177 -16.85 3.60 -4.29
N VAL A 178 -18.09 3.62 -4.77
CA VAL A 178 -19.16 4.21 -3.99
C VAL A 178 -20.41 3.31 -4.09
N ARG A 179 -21.03 3.04 -2.95
CA ARG A 179 -22.26 2.22 -2.97
C ARG A 179 -23.39 3.08 -3.43
N MET B 22 -18.22 16.53 1.17
CA MET B 22 -17.96 16.01 2.56
C MET B 22 -16.47 15.80 2.85
N ASP B 23 -16.12 15.63 4.14
CA ASP B 23 -14.73 15.73 4.62
C ASP B 23 -14.11 14.35 4.86
N PHE B 24 -13.89 13.66 3.75
CA PHE B 24 -13.30 12.34 3.80
C PHE B 24 -11.79 12.46 3.87
N ARG B 25 -11.18 11.45 4.49
CA ARG B 25 -9.73 11.32 4.59
C ARG B 25 -9.36 9.84 4.44
N ILE B 26 -8.20 9.61 3.83
CA ILE B 26 -7.66 8.27 3.72
CA ILE B 26 -7.61 8.29 3.64
C ILE B 26 -6.41 8.10 4.57
N GLY B 27 -6.20 6.87 5.03
CA GLY B 27 -5.01 6.49 5.75
C GLY B 27 -4.52 5.14 5.26
N GLN B 28 -3.24 4.88 5.46
CA GLN B 28 -2.59 3.65 5.05
C GLN B 28 -1.69 3.18 6.19
N GLY B 29 -1.48 1.87 6.25
CA GLY B 29 -0.63 1.25 7.28
C GLY B 29 0.17 0.04 6.80
N TYR B 30 1.30 -0.17 7.47
CA TYR B 30 2.26 -1.21 7.20
C TYR B 30 2.77 -1.78 8.51
N ASP B 31 3.05 -3.09 8.52
CA ASP B 31 3.73 -3.68 9.68
C ASP B 31 4.34 -5.01 9.23
N VAL B 32 5.41 -5.42 9.91
CA VAL B 32 6.07 -6.69 9.65
C VAL B 32 6.63 -7.18 10.99
N HIS B 33 6.54 -8.47 11.24
CA HIS B 33 7.17 -9.07 12.42
C HIS B 33 7.88 -10.35 11.95
N GLN B 34 8.97 -10.71 12.62
CA GLN B 34 9.73 -11.93 12.28
C GLN B 34 8.97 -13.18 12.69
N LEU B 35 9.22 -14.27 11.98
CA LEU B 35 8.49 -15.53 12.18
C LEU B 35 9.45 -16.67 12.57
N VAL B 36 9.45 -17.02 13.86
CA VAL B 36 10.36 -18.07 14.40
C VAL B 36 9.70 -19.00 15.43
N PRO B 37 10.30 -20.20 15.64
CA PRO B 37 9.75 -21.07 16.67
C PRO B 37 9.70 -20.40 18.05
N GLY B 38 8.72 -20.77 18.85
CA GLY B 38 8.69 -20.42 20.27
C GLY B 38 7.61 -19.45 20.73
N ARG B 39 6.88 -18.87 19.79
CA ARG B 39 5.81 -17.91 20.10
C ARG B 39 4.52 -18.34 19.40
N PRO B 40 3.36 -17.97 19.98
CA PRO B 40 2.09 -18.17 19.31
C PRO B 40 1.99 -17.33 18.05
N LEU B 41 1.30 -17.86 17.06
CA LEU B 41 0.95 -17.08 15.87
C LEU B 41 -0.44 -16.47 16.06
N ILE B 42 -0.50 -15.15 16.23
CA ILE B 42 -1.76 -14.45 16.40
C ILE B 42 -1.84 -13.37 15.35
N ILE B 43 -2.87 -13.45 14.52
CA ILE B 43 -3.09 -12.52 13.42
C ILE B 43 -4.56 -12.16 13.42
N GLY B 44 -4.84 -10.87 13.58
CA GLY B 44 -6.24 -10.40 13.55
C GLY B 44 -7.00 -10.94 14.72
N GLY B 45 -6.31 -11.14 15.84
CA GLY B 45 -6.91 -11.67 17.06
C GLY B 45 -7.03 -13.19 17.12
N VAL B 46 -6.62 -13.87 16.05
CA VAL B 46 -6.86 -15.29 15.92
C VAL B 46 -5.57 -16.07 16.12
N THR B 47 -5.61 -17.02 17.05
CA THR B 47 -4.45 -17.86 17.28
C THR B 47 -4.50 -19.03 16.31
N ILE B 48 -3.45 -19.15 15.52
CA ILE B 48 -3.42 -20.10 14.44
C ILE B 48 -2.32 -21.11 14.69
N PRO B 49 -2.69 -22.39 14.81
CA PRO B 49 -1.70 -23.43 15.05
C PRO B 49 -0.59 -23.35 14.03
N TYR B 50 0.64 -23.27 14.51
CA TYR B 50 1.78 -23.21 13.64
C TYR B 50 3.05 -23.53 14.43
N GLU B 51 4.05 -24.06 13.73
CA GLU B 51 5.33 -24.40 14.33
C GLU B 51 6.07 -23.15 14.81
N ARG B 52 5.62 -21.98 14.37
CA ARG B 52 6.27 -20.71 14.69
C ARG B 52 5.26 -19.63 15.05
N GLY B 53 5.78 -18.48 15.44
CA GLY B 53 4.95 -17.33 15.76
C GLY B 53 5.74 -16.04 15.65
N LEU B 54 5.02 -14.93 15.79
CA LEU B 54 5.60 -13.63 15.55
C LEU B 54 6.20 -13.00 16.82
N LEU B 55 7.29 -12.26 16.65
CA LEU B 55 8.04 -11.65 17.77
C LEU B 55 7.72 -10.16 17.90
N GLY B 56 7.43 -9.73 19.12
CA GLY B 56 7.20 -8.31 19.42
C GLY B 56 7.10 -8.01 20.89
N SER B 58 4.44 -7.45 22.50
CA SER B 58 3.19 -8.04 22.94
C SER B 58 2.85 -9.25 22.06
N ASP B 59 1.57 -9.43 21.75
CA ASP B 59 1.11 -10.50 20.83
C ASP B 59 1.69 -10.41 19.42
N ALA B 60 2.22 -9.24 19.04
CA ALA B 60 2.83 -9.10 17.73
C ALA B 60 1.81 -9.28 16.62
N ASP B 61 0.61 -8.78 16.84
CA ASP B 61 -0.46 -8.90 15.88
C ASP B 61 -0.28 -7.89 14.75
N VAL B 62 0.38 -8.36 13.69
CA VAL B 62 0.81 -7.52 12.55
C VAL B 62 -0.35 -6.88 11.82
N LEU B 63 -1.48 -7.56 11.78
CA LEU B 63 -2.63 -7.04 11.04
C LEU B 63 -3.35 -5.94 11.83
N LEU B 64 -3.58 -6.17 13.10
CA LEU B 64 -4.16 -5.13 13.97
C LEU B 64 -3.29 -3.86 14.03
N HIS B 65 -1.98 -4.04 14.05
CA HIS B 65 -1.05 -2.91 14.10
C HIS B 65 -1.17 -2.08 12.81
N ALA B 66 -1.16 -2.74 11.66
CA ALA B 66 -1.25 -2.00 10.38
C ALA B 66 -2.57 -1.26 10.25
N ILE B 67 -3.65 -1.89 10.66
CA ILE B 67 -4.97 -1.26 10.59
C ILE B 67 -5.03 -0.06 11.55
N THR B 68 -4.41 -0.22 12.72
CA THR B 68 -4.33 0.86 13.72
C THR B 68 -3.56 2.06 13.15
N ASP B 69 -2.44 1.80 12.49
CA ASP B 69 -1.68 2.87 11.83
C ASP B 69 -2.49 3.58 10.74
N ALA B 70 -3.23 2.85 9.91
CA ALA B 70 -4.03 3.49 8.84
C ALA B 70 -5.17 4.37 9.43
N LEU B 71 -5.73 3.95 10.55
CA LEU B 71 -6.76 4.76 11.24
C LEU B 71 -6.21 6.08 11.80
N PHE B 72 -5.05 6.02 12.45
CA PHE B 72 -4.43 7.23 12.97
C PHE B 72 -4.01 8.16 11.82
N GLY B 73 -3.54 7.58 10.72
CA GLY B 73 -3.03 8.40 9.61
C GLY B 73 -4.17 9.10 8.87
N ALA B 74 -5.32 8.43 8.79
CA ALA B 74 -6.51 9.03 8.19
C ALA B 74 -6.96 10.23 9.05
N ALA B 75 -6.76 10.10 10.35
CA ALA B 75 -7.12 11.16 11.30
C ALA B 75 -6.04 12.23 11.47
N ALA B 76 -4.87 12.00 10.85
CA ALA B 76 -3.67 12.85 10.98
C ALA B 76 -3.22 13.02 12.44
N LEU B 77 -3.25 11.91 13.18
CA LEU B 77 -2.90 11.85 14.58
C LEU B 77 -1.52 11.22 14.85
N GLY B 78 -0.65 11.19 13.85
CA GLY B 78 0.64 10.55 14.04
C GLY B 78 0.53 9.05 13.80
N ASP B 79 1.05 8.26 14.73
CA ASP B 79 1.15 6.84 14.51
C ASP B 79 1.11 6.02 15.79
N ILE B 80 1.00 4.70 15.61
CA ILE B 80 0.84 3.81 16.73
C ILE B 80 2.02 3.88 17.73
N GLY B 81 3.21 4.16 17.20
CA GLY B 81 4.40 4.34 18.03
C GLY B 81 4.27 5.52 18.98
N ARG B 82 3.64 6.59 18.52
CA ARG B 82 3.45 7.78 19.34
C ARG B 82 2.31 7.67 20.34
N HIS B 83 1.21 7.04 19.94
CA HIS B 83 0.10 6.88 20.86
C HIS B 83 0.37 5.83 21.92
N PHE B 84 0.99 4.71 21.52
CA PHE B 84 1.16 3.55 22.42
C PHE B 84 2.60 3.03 22.45
N SER B 85 3.44 3.64 23.29
CA SER B 85 4.87 3.34 23.32
C SER B 85 5.17 2.16 24.26
N ASP B 86 6.46 1.86 24.41
CA ASP B 86 6.91 0.67 25.11
C ASP B 86 6.79 0.82 26.62
N THR B 87 6.71 2.06 27.10
CA THR B 87 6.65 2.33 28.53
C THR B 87 5.20 2.44 29.04
N ASP B 88 4.52 3.54 28.67
CA ASP B 88 3.32 4.03 29.38
C ASP B 88 2.63 2.99 30.28
N LYS B 92 0.51 -0.10 29.06
CA LYS B 92 0.77 -1.17 30.04
C LYS B 92 1.18 -2.51 29.38
N GLY B 93 0.37 -3.55 29.55
CA GLY B 93 0.59 -4.84 28.90
C GLY B 93 -0.38 -5.12 27.75
N ALA B 94 -1.36 -4.22 27.59
CA ALA B 94 -2.47 -4.35 26.65
C ALA B 94 -2.19 -5.15 25.36
N ASP B 95 -3.13 -6.03 25.00
CA ASP B 95 -3.03 -6.77 23.75
C ASP B 95 -3.45 -5.88 22.58
N SER B 96 -3.34 -6.38 21.35
CA SER B 96 -3.47 -5.51 20.17
C SER B 96 -4.89 -5.11 19.81
N ARG B 97 -5.87 -5.88 20.30
CA ARG B 97 -7.27 -5.50 20.18
C ARG B 97 -7.62 -4.35 21.14
N ALA B 98 -7.03 -4.33 22.32
CA ALA B 98 -7.26 -3.23 23.27
C ALA B 98 -6.73 -1.92 22.67
N LEU B 99 -5.60 -2.02 21.98
CA LEU B 99 -5.01 -0.87 21.30
C LEU B 99 -5.87 -0.39 20.13
N LEU B 100 -6.41 -1.33 19.36
CA LEU B 100 -7.29 -0.99 18.24
C LEU B 100 -8.53 -0.22 18.74
N ARG B 101 -9.13 -0.69 19.83
CA ARG B 101 -10.30 -0.02 20.40
C ARG B 101 -9.97 1.41 20.90
N GLU B 102 -8.80 1.55 21.51
CA GLU B 102 -8.40 2.86 22.06
C GLU B 102 -8.08 3.79 20.88
N CYS B 103 -7.47 3.22 19.87
CA CYS B 103 -7.24 3.93 18.59
C CYS B 103 -8.56 4.46 18.07
N ALA B 104 -9.56 3.59 18.02
CA ALA B 104 -10.86 3.96 17.47
C ALA B 104 -11.51 5.09 18.26
N SER B 105 -11.32 5.10 19.58
CA SER B 105 -11.94 6.13 20.41
C SER B 105 -11.29 7.51 20.22
N ARG B 106 -9.98 7.53 20.06
CA ARG B 106 -9.23 8.77 19.77
C ARG B 106 -9.59 9.34 18.39
N VAL B 107 -9.85 8.46 17.46
CA VAL B 107 -10.25 8.84 16.11
C VAL B 107 -11.62 9.53 16.18
N ALA B 108 -12.52 8.97 16.98
CA ALA B 108 -13.85 9.57 17.10
C ALA B 108 -13.79 10.96 17.75
N GLN B 109 -13.00 11.11 18.81
CA GLN B 109 -12.94 12.41 19.53
C GLN B 109 -12.28 13.52 18.70
N ALA B 110 -11.45 13.14 17.74
CA ALA B 110 -10.92 14.09 16.76
C ALA B 110 -11.97 14.45 15.70
N GLY B 111 -13.13 13.80 15.75
CA GLY B 111 -14.26 14.18 14.92
C GLY B 111 -14.59 13.26 13.76
N PHE B 112 -13.89 12.14 13.64
CA PHE B 112 -14.01 11.25 12.48
C PHE B 112 -14.79 9.97 12.76
N ALA B 113 -15.61 9.56 11.79
CA ALA B 113 -16.30 8.27 11.81
C ALA B 113 -15.61 7.35 10.82
N ILE B 114 -15.42 6.09 11.19
CA ILE B 114 -14.78 5.14 10.24
C ILE B 114 -15.81 4.67 9.22
N ARG B 115 -15.43 4.75 7.93
CA ARG B 115 -16.28 4.30 6.81
C ARG B 115 -15.91 2.88 6.34
N ASN B 116 -14.64 2.57 6.12
CA ASN B 116 -14.25 1.16 5.91
C ASN B 116 -12.78 0.88 6.13
N VAL B 117 -12.46 -0.40 6.23
CA VAL B 117 -11.08 -0.85 6.35
C VAL B 117 -10.84 -2.03 5.41
N ASP B 118 -9.75 -1.96 4.68
CA ASP B 118 -9.33 -3.10 3.89
C ASP B 118 -7.88 -3.42 4.24
N SER B 119 -7.46 -4.68 4.06
CA SER B 119 -6.12 -5.11 4.45
C SER B 119 -5.65 -6.34 3.70
N THR B 120 -4.34 -6.59 3.76
CA THR B 120 -3.71 -7.75 3.13
C THR B 120 -2.66 -8.28 4.12
N ILE B 121 -2.69 -9.60 4.34
CA ILE B 121 -1.65 -10.29 5.10
C ILE B 121 -0.81 -11.03 4.10
N ILE B 122 0.51 -10.87 4.17
CA ILE B 122 1.41 -11.60 3.29
C ILE B 122 2.17 -12.62 4.14
N ALA B 123 1.86 -13.89 3.91
CA ALA B 123 2.51 -14.99 4.59
C ALA B 123 2.58 -16.19 3.66
N GLN B 124 3.74 -16.84 3.64
CA GLN B 124 3.92 -18.01 2.79
C GLN B 124 3.16 -19.18 3.41
N ALA B 125 3.10 -19.19 4.73
CA ALA B 125 2.44 -20.25 5.46
C ALA B 125 2.19 -19.76 6.89
N PRO B 126 1.20 -20.33 7.58
CA PRO B 126 0.26 -21.36 7.16
C PRO B 126 -0.90 -20.78 6.36
N LYS B 127 -1.81 -21.67 5.94
CA LYS B 127 -3.03 -21.22 5.25
C LYS B 127 -3.89 -20.32 6.17
N LEU B 128 -4.13 -19.11 5.69
CA LEU B 128 -4.92 -18.10 6.42
C LEU B 128 -6.39 -18.04 6.05
N ALA B 129 -6.73 -18.45 4.83
CA ALA B 129 -8.12 -18.33 4.35
C ALA B 129 -9.17 -18.88 5.34
N PRO B 130 -8.87 -20.02 6.04
CA PRO B 130 -9.90 -20.54 6.94
C PRO B 130 -10.20 -19.65 8.12
N HIS B 131 -9.34 -18.66 8.36
CA HIS B 131 -9.39 -17.83 9.58
C HIS B 131 -9.89 -16.41 9.32
N ILE B 132 -10.18 -16.09 8.07
CA ILE B 132 -10.49 -14.71 7.68
C ILE B 132 -11.81 -14.21 8.30
N ASP B 133 -12.83 -15.05 8.34
CA ASP B 133 -14.12 -14.66 8.89
C ASP B 133 -13.93 -14.24 10.37
N ALA B 134 -13.09 -14.98 11.09
CA ALA B 134 -12.87 -14.73 12.51
C ALA B 134 -12.13 -13.40 12.70
N MET B 135 -11.12 -13.12 11.85
CA MET B 135 -10.40 -11.85 11.94
C MET B 135 -11.32 -10.66 11.62
N ARG B 136 -12.13 -10.78 10.57
CA ARG B 136 -13.09 -9.73 10.22
C ARG B 136 -14.05 -9.42 11.34
N ALA B 137 -14.56 -10.48 11.99
CA ALA B 137 -15.49 -10.37 13.10
C ALA B 137 -14.85 -9.65 14.28
N ASN B 138 -13.59 -9.99 14.57
CA ASN B 138 -12.87 -9.33 15.68
C ASN B 138 -12.65 -7.88 15.39
N ILE B 139 -12.21 -7.57 14.15
CA ILE B 139 -11.92 -6.20 13.78
C ILE B 139 -13.16 -5.34 13.77
N ALA B 140 -14.24 -5.86 13.21
CA ALA B 140 -15.50 -5.10 13.13
C ALA B 140 -16.09 -4.81 14.50
N ALA B 141 -15.99 -5.78 15.40
CA ALA B 141 -16.39 -5.63 16.82
C ALA B 141 -15.58 -4.51 17.44
N ASP B 142 -14.25 -4.58 17.29
CA ASP B 142 -13.37 -3.63 17.92
C ASP B 142 -13.56 -2.22 17.37
N LEU B 143 -13.83 -2.08 16.07
CA LEU B 143 -14.06 -0.77 15.47
C LEU B 143 -15.52 -0.30 15.49
N ASP B 144 -16.43 -1.11 16.04
CA ASP B 144 -17.89 -0.89 15.99
C ASP B 144 -18.42 -0.60 14.59
N LEU B 145 -18.06 -1.47 13.65
CA LEU B 145 -18.44 -1.29 12.24
C LEU B 145 -19.31 -2.44 11.80
N PRO B 146 -20.25 -2.20 10.88
CA PRO B 146 -20.88 -3.34 10.21
C PRO B 146 -19.84 -4.24 9.56
N LEU B 147 -20.09 -5.56 9.55
CA LEU B 147 -19.14 -6.54 9.00
C LEU B 147 -18.72 -6.20 7.57
N ASP B 148 -19.69 -5.71 6.79
CA ASP B 148 -19.44 -5.43 5.37
C ASP B 148 -18.58 -4.19 5.10
N ARG B 149 -18.04 -3.54 6.16
CA ARG B 149 -17.04 -2.48 5.96
C ARG B 149 -15.66 -2.89 6.45
N VAL B 150 -15.45 -4.19 6.65
CA VAL B 150 -14.15 -4.70 7.03
C VAL B 150 -13.77 -5.82 6.12
N ASN B 151 -12.57 -5.74 5.55
CA ASN B 151 -12.09 -6.79 4.68
C ASN B 151 -10.64 -7.17 5.00
N VAL B 152 -10.34 -8.48 4.91
CA VAL B 152 -8.99 -8.98 5.05
C VAL B 152 -8.68 -9.94 3.93
N LYS B 153 -7.51 -9.74 3.29
CA LYS B 153 -7.08 -10.53 2.15
C LYS B 153 -5.79 -11.25 2.49
N ALA B 154 -5.51 -12.36 1.81
CA ALA B 154 -4.34 -13.19 2.11
C ALA B 154 -3.54 -13.39 0.83
N LYS B 155 -2.25 -13.23 0.94
CA LYS B 155 -1.30 -13.42 -0.17
C LYS B 155 -0.07 -14.24 0.27
N THR B 156 0.47 -15.11 -0.58
CA THR B 156 1.84 -15.57 -0.37
C THR B 156 2.79 -14.58 -1.02
N ASN B 157 4.08 -14.78 -0.84
CA ASN B 157 5.05 -13.98 -1.53
C ASN B 157 5.74 -14.76 -2.64
N GLU B 158 5.09 -15.84 -3.09
CA GLU B 158 5.58 -16.64 -4.20
C GLU B 158 7.03 -17.02 -4.01
N LYS B 159 7.35 -17.35 -2.76
CA LYS B 159 8.63 -17.91 -2.34
C LYS B 159 9.81 -16.94 -2.50
N LEU B 160 9.51 -15.66 -2.64
CA LEU B 160 10.51 -14.62 -2.81
C LEU B 160 10.78 -13.90 -1.50
N GLY B 161 12.04 -13.70 -1.18
CA GLY B 161 12.42 -12.83 -0.08
C GLY B 161 12.22 -13.49 1.27
N TYR B 162 12.51 -12.72 2.32
CA TYR B 162 12.28 -13.18 3.68
C TYR B 162 10.82 -13.62 3.93
N LEU B 163 9.85 -12.93 3.32
CA LEU B 163 8.46 -13.32 3.44
C LEU B 163 8.21 -14.71 2.82
N GLY B 164 8.80 -14.93 1.64
CA GLY B 164 8.63 -16.19 0.91
C GLY B 164 9.41 -17.37 1.45
N ARG B 165 10.42 -17.07 2.26
CA ARG B 165 11.19 -18.10 2.96
C ARG B 165 10.61 -18.33 4.37
N GLY B 166 9.52 -17.64 4.69
CA GLY B 166 8.82 -17.88 5.95
C GLY B 166 9.57 -17.33 7.15
N GLU B 167 10.33 -16.26 6.93
CA GLU B 167 11.11 -15.60 7.96
C GLU B 167 10.38 -14.45 8.64
N GLY B 168 9.22 -14.07 8.10
CA GLY B 168 8.38 -13.03 8.69
C GLY B 168 7.02 -12.99 7.98
N ILE B 169 6.11 -12.18 8.54
CA ILE B 169 4.79 -11.92 7.97
C ILE B 169 4.52 -10.40 7.95
N GLU B 170 4.01 -9.93 6.83
CA GLU B 170 3.74 -8.51 6.62
C GLU B 170 2.23 -8.30 6.61
N ALA B 171 1.77 -7.16 7.12
CA ALA B 171 0.41 -6.67 6.85
C ALA B 171 0.37 -5.25 6.23
N GLN B 172 -0.63 -5.02 5.38
CA GLN B 172 -0.89 -3.72 4.79
C GLN B 172 -2.34 -3.39 5.10
N ALA B 173 -2.64 -2.11 5.36
CA ALA B 173 -4.01 -1.66 5.57
C ALA B 173 -4.31 -0.30 4.91
N ALA B 174 -5.60 -0.10 4.59
CA ALA B 174 -6.13 1.17 4.10
C ALA B 174 -7.41 1.43 4.88
N ALA B 175 -7.62 2.69 5.27
CA ALA B 175 -8.82 3.10 5.97
C ALA B 175 -9.39 4.39 5.39
N LEU B 176 -10.70 4.46 5.31
CA LEU B 176 -11.39 5.67 4.93
C LEU B 176 -12.21 6.14 6.13
N VAL B 177 -12.13 7.44 6.42
CA VAL B 177 -12.92 8.03 7.49
C VAL B 177 -13.50 9.32 6.98
N VAL B 178 -14.45 9.88 7.74
CA VAL B 178 -15.09 11.14 7.39
C VAL B 178 -15.35 11.96 8.66
N ARG B 179 -15.10 13.26 8.60
CA ARG B 179 -15.37 14.18 9.74
C ARG B 179 -16.77 14.74 9.58
N MET C 22 -17.86 14.76 -3.49
CA MET C 22 -18.39 14.60 -4.89
C MET C 22 -17.43 13.72 -5.66
N ASP C 23 -16.59 14.31 -6.53
CA ASP C 23 -15.70 13.51 -7.40
C ASP C 23 -14.34 13.24 -6.74
N PHE C 24 -14.36 12.39 -5.72
CA PHE C 24 -13.13 12.02 -5.03
C PHE C 24 -12.34 10.98 -5.83
N ARG C 25 -11.02 11.02 -5.65
CA ARG C 25 -10.07 10.09 -6.25
C ARG C 25 -9.05 9.74 -5.20
N ILE C 26 -8.56 8.50 -5.22
CA ILE C 26 -7.48 8.05 -4.33
C ILE C 26 -6.20 7.76 -5.12
N GLY C 27 -5.06 7.99 -4.48
CA GLY C 27 -3.77 7.73 -5.06
C GLY C 27 -2.88 7.04 -4.04
N GLN C 28 -1.92 6.26 -4.53
CA GLN C 28 -0.96 5.56 -3.66
C GLN C 28 0.42 5.67 -4.28
N GLY C 29 1.43 5.77 -3.43
CA GLY C 29 2.81 5.94 -3.87
C GLY C 29 3.77 5.06 -3.11
N TYR C 30 4.85 4.73 -3.80
CA TYR C 30 5.92 3.88 -3.26
C TYR C 30 7.23 4.43 -3.69
N ASP C 31 8.23 4.41 -2.79
CA ASP C 31 9.61 4.70 -3.20
C ASP C 31 10.60 4.00 -2.25
N VAL C 32 11.78 3.70 -2.78
CA VAL C 32 12.88 3.20 -1.96
C VAL C 32 14.17 3.76 -2.59
N HIS C 33 15.12 4.11 -1.74
CA HIS C 33 16.44 4.50 -2.15
C HIS C 33 17.47 3.79 -1.26
N GLN C 34 18.63 3.57 -1.85
CA GLN C 34 19.76 3.07 -1.10
C GLN C 34 20.36 4.11 -0.16
N LEU C 35 20.87 3.64 0.98
CA LEU C 35 21.66 4.43 1.91
C LEU C 35 23.14 4.23 1.61
N VAL C 36 23.82 5.34 1.34
CA VAL C 36 25.22 5.33 0.94
C VAL C 36 26.06 6.36 1.71
N PRO C 37 27.35 6.08 1.93
CA PRO C 37 28.25 7.04 2.57
C PRO C 37 28.41 8.33 1.76
N GLY C 38 28.65 9.45 2.43
CA GLY C 38 28.97 10.70 1.76
C GLY C 38 27.81 11.39 1.08
N ARG C 39 26.61 11.11 1.58
CA ARG C 39 25.40 11.77 1.11
C ARG C 39 24.69 12.28 2.37
N PRO C 40 24.03 13.45 2.28
CA PRO C 40 23.18 13.87 3.39
C PRO C 40 21.88 13.05 3.40
N LEU C 41 21.33 12.83 4.59
CA LEU C 41 20.07 12.11 4.75
C LEU C 41 18.95 13.13 4.86
N ILE C 42 18.16 13.23 3.81
CA ILE C 42 17.08 14.21 3.76
C ILE C 42 15.77 13.46 3.56
N ILE C 43 14.87 13.61 4.52
CA ILE C 43 13.55 12.95 4.46
C ILE C 43 12.46 13.94 4.86
N GLY C 44 11.47 14.09 3.99
CA GLY C 44 10.40 15.05 4.21
C GLY C 44 10.94 16.45 4.32
N GLY C 45 12.00 16.72 3.56
CA GLY C 45 12.65 18.02 3.57
C GLY C 45 13.58 18.25 4.75
N VAL C 46 13.65 17.28 5.67
CA VAL C 46 14.46 17.42 6.88
C VAL C 46 15.81 16.75 6.76
N THR C 47 16.88 17.53 6.95
CA THR C 47 18.21 16.98 7.00
C THR C 47 18.39 16.38 8.38
N ILE C 48 18.67 15.09 8.40
CA ILE C 48 18.80 14.33 9.64
C ILE C 48 20.26 13.87 9.77
N PRO C 49 20.90 14.15 10.94
CA PRO C 49 22.27 13.68 11.17
C PRO C 49 22.40 12.18 11.09
N TYR C 50 23.34 11.70 10.28
CA TYR C 50 23.54 10.26 10.03
C TYR C 50 24.79 10.09 9.15
N GLU C 51 25.50 8.97 9.28
CA GLU C 51 26.74 8.74 8.52
C GLU C 51 26.51 8.42 7.02
N ARG C 52 25.28 8.02 6.67
CA ARG C 52 24.91 7.82 5.27
C ARG C 52 23.69 8.64 4.90
N GLY C 53 23.42 8.74 3.61
CA GLY C 53 22.28 9.49 3.08
C GLY C 53 21.74 8.74 1.90
N LEU C 54 20.63 9.20 1.35
CA LEU C 54 19.98 8.44 0.26
C LEU C 54 20.60 8.80 -1.11
N LEU C 55 20.75 7.77 -1.93
CA LEU C 55 21.34 7.88 -3.25
C LEU C 55 20.24 8.07 -4.29
N GLY C 56 20.40 9.09 -5.10
CA GLY C 56 19.45 9.32 -6.19
C GLY C 56 19.99 10.41 -7.07
N HIS C 57 19.31 10.63 -8.19
CA HIS C 57 19.72 11.62 -9.18
C HIS C 57 19.40 13.04 -8.64
N SER C 58 18.31 13.12 -7.85
CA SER C 58 17.93 14.31 -7.10
C SER C 58 18.49 14.17 -5.68
N ASP C 59 17.97 14.93 -4.71
CA ASP C 59 18.39 14.78 -3.30
C ASP C 59 17.86 13.46 -2.66
N ALA C 60 17.09 12.71 -3.42
CA ALA C 60 16.66 11.36 -3.06
C ALA C 60 15.72 11.35 -1.85
N ASP C 61 14.87 12.36 -1.71
CA ASP C 61 13.91 12.40 -0.59
C ASP C 61 12.78 11.39 -0.84
N VAL C 62 12.97 10.20 -0.29
CA VAL C 62 12.13 9.03 -0.53
C VAL C 62 10.67 9.29 -0.11
N LEU C 63 10.50 10.03 0.97
CA LEU C 63 9.15 10.38 1.46
C LEU C 63 8.42 11.30 0.49
N LEU C 64 9.10 12.38 0.10
CA LEU C 64 8.49 13.36 -0.82
C LEU C 64 8.18 12.72 -2.18
N HIS C 65 9.06 11.87 -2.66
CA HIS C 65 8.79 11.10 -3.88
C HIS C 65 7.55 10.22 -3.79
N ALA C 66 7.37 9.51 -2.69
CA ALA C 66 6.19 8.66 -2.57
C ALA C 66 4.90 9.47 -2.51
N ILE C 67 4.92 10.61 -1.83
CA ILE C 67 3.75 11.47 -1.76
C ILE C 67 3.47 12.05 -3.14
N THR C 68 4.52 12.47 -3.82
CA THR C 68 4.41 12.97 -5.18
C THR C 68 3.73 11.97 -6.11
N ASP C 69 4.17 10.71 -6.07
CA ASP C 69 3.54 9.66 -6.86
C ASP C 69 2.08 9.42 -6.48
N ALA C 70 1.79 9.47 -5.19
CA ALA C 70 0.39 9.29 -4.72
C ALA C 70 -0.52 10.39 -5.28
N LEU C 71 -0.01 11.61 -5.34
CA LEU C 71 -0.73 12.76 -5.86
C LEU C 71 -0.94 12.66 -7.38
N PHE C 72 0.13 12.40 -8.12
CA PHE C 72 0.00 12.16 -9.56
C PHE C 72 -0.99 11.01 -9.82
N GLY C 73 -0.94 10.00 -8.98
CA GLY C 73 -1.77 8.80 -9.16
C GLY C 73 -3.23 9.13 -8.93
N ALA C 74 -3.52 9.95 -7.93
CA ALA C 74 -4.92 10.30 -7.65
C ALA C 74 -5.52 11.15 -8.76
N ALA C 75 -4.69 12.01 -9.33
CA ALA C 75 -5.11 12.84 -10.44
C ALA C 75 -4.98 12.14 -11.80
N ALA C 76 -4.56 10.88 -11.81
CA ALA C 76 -4.40 10.12 -13.05
C ALA C 76 -3.50 10.84 -14.03
N LEU C 77 -2.42 11.40 -13.52
CA LEU C 77 -1.45 12.14 -14.32
C LEU C 77 -0.16 11.37 -14.63
N GLY C 78 -0.12 10.08 -14.33
CA GLY C 78 1.05 9.23 -14.60
C GLY C 78 1.90 9.11 -13.33
N ASP C 79 3.18 9.48 -13.43
CA ASP C 79 4.11 9.24 -12.30
C ASP C 79 5.36 10.14 -12.35
N ILE C 80 6.12 10.08 -11.26
CA ILE C 80 7.19 10.99 -11.01
C ILE C 80 8.29 10.72 -12.03
N GLY C 81 8.46 9.46 -12.43
CA GLY C 81 9.40 9.08 -13.48
C GLY C 81 9.13 9.71 -14.83
N ARG C 82 7.86 9.79 -15.19
CA ARG C 82 7.44 10.49 -16.41
C ARG C 82 7.55 12.02 -16.32
N HIS C 83 7.14 12.61 -15.19
CA HIS C 83 7.15 14.08 -15.03
C HIS C 83 8.54 14.71 -14.85
N PHE C 84 9.43 14.02 -14.14
CA PHE C 84 10.74 14.54 -13.78
C PHE C 84 11.83 13.45 -14.00
N SER C 85 12.24 13.28 -15.24
CA SER C 85 13.25 12.27 -15.63
C SER C 85 14.52 12.27 -14.74
N ASP C 86 14.81 11.14 -14.09
CA ASP C 86 16.00 10.98 -13.23
C ASP C 86 17.31 11.36 -13.93
N ALA C 94 16.03 18.19 -8.75
CA ALA C 94 17.12 18.49 -7.82
C ALA C 94 16.55 18.56 -6.39
N ASP C 95 16.00 19.70 -5.98
CA ASP C 95 15.33 19.76 -4.67
C ASP C 95 13.98 19.00 -4.74
N SER C 96 13.80 17.96 -3.94
CA SER C 96 12.53 17.24 -3.98
C SER C 96 11.33 18.06 -3.50
N ARG C 97 11.57 19.17 -2.81
CA ARG C 97 10.44 19.98 -2.35
C ARG C 97 9.95 20.78 -3.54
N ALA C 98 10.89 21.22 -4.37
CA ALA C 98 10.53 21.92 -5.60
C ALA C 98 9.69 21.02 -6.52
N LEU C 99 10.07 19.74 -6.59
CA LEU C 99 9.31 18.77 -7.36
C LEU C 99 7.94 18.53 -6.73
N LEU C 100 7.87 18.48 -5.41
CA LEU C 100 6.55 18.30 -4.74
C LEU C 100 5.67 19.49 -5.04
N ARG C 101 6.21 20.70 -4.95
CA ARG C 101 5.46 21.90 -5.30
C ARG C 101 4.97 21.91 -6.75
N GLU C 102 5.81 21.43 -7.66
CA GLU C 102 5.45 21.37 -9.07
C GLU C 102 4.37 20.31 -9.27
N CYS C 103 4.47 19.22 -8.54
CA CYS C 103 3.45 18.20 -8.57
C CYS C 103 2.10 18.76 -8.16
N ALA C 104 2.07 19.53 -7.06
CA ALA C 104 0.85 20.14 -6.57
C ALA C 104 0.26 21.09 -7.62
N SER C 105 1.14 21.75 -8.36
CA SER C 105 0.76 22.62 -9.45
C SER C 105 0.04 21.87 -10.57
N ARG C 106 0.64 20.77 -11.00
CA ARG C 106 0.07 19.95 -12.06
C ARG C 106 -1.25 19.32 -11.64
N VAL C 107 -1.39 19.00 -10.37
CA VAL C 107 -2.63 18.45 -9.82
C VAL C 107 -3.74 19.51 -9.89
N ALA C 108 -3.42 20.74 -9.48
CA ALA C 108 -4.38 21.85 -9.54
C ALA C 108 -4.77 22.15 -10.99
N GLN C 109 -3.76 22.13 -11.87
CA GLN C 109 -3.95 22.36 -13.31
C GLN C 109 -4.92 21.37 -13.92
N ALA C 110 -4.93 20.16 -13.38
CA ALA C 110 -5.85 19.13 -13.85
C ALA C 110 -7.24 19.28 -13.22
N GLY C 111 -7.39 20.22 -12.28
CA GLY C 111 -8.69 20.57 -11.72
C GLY C 111 -8.99 19.89 -10.39
N PHE C 112 -7.95 19.39 -9.72
CA PHE C 112 -8.12 18.72 -8.46
C PHE C 112 -7.64 19.58 -7.29
N ALA C 113 -8.30 19.40 -6.15
CA ALA C 113 -7.87 19.99 -4.90
C ALA C 113 -7.46 18.85 -3.98
N ILE C 114 -6.39 19.03 -3.23
CA ILE C 114 -5.88 17.95 -2.37
C ILE C 114 -6.65 17.95 -1.05
N ARG C 115 -7.14 16.80 -0.61
CA ARG C 115 -7.90 16.74 0.65
C ARG C 115 -7.08 16.27 1.84
N ASN C 116 -6.27 15.22 1.64
CA ASN C 116 -5.33 14.79 2.66
C ASN C 116 -4.25 13.88 2.10
N VAL C 117 -3.17 13.81 2.87
CA VAL C 117 -2.02 12.96 2.59
CA VAL C 117 -2.06 12.91 2.59
C VAL C 117 -1.65 12.19 3.85
N ASP C 118 -1.42 10.89 3.73
CA ASP C 118 -0.88 10.07 4.79
C ASP C 118 0.29 9.29 4.23
N SER C 119 1.20 8.87 5.10
CA SER C 119 2.41 8.27 4.65
C SER C 119 3.10 7.49 5.77
N THR C 120 4.00 6.62 5.34
CA THR C 120 4.85 5.86 6.24
C THR C 120 6.27 5.82 5.71
N ILE C 121 7.24 5.98 6.63
CA ILE C 121 8.67 5.82 6.34
C ILE C 121 9.12 4.55 7.03
N ILE C 122 9.82 3.68 6.29
CA ILE C 122 10.39 2.44 6.85
C ILE C 122 11.92 2.55 6.85
N ALA C 123 12.47 2.76 8.06
CA ALA C 123 13.90 2.92 8.24
C ALA C 123 14.27 2.24 9.56
N GLN C 124 15.30 1.41 9.51
CA GLN C 124 15.76 0.76 10.72
C GLN C 124 16.44 1.79 11.63
N ALA C 125 17.21 2.67 11.00
CA ALA C 125 17.82 3.82 11.67
C ALA C 125 18.04 4.90 10.64
N PRO C 126 18.24 6.16 11.09
CA PRO C 126 18.24 6.64 12.47
C PRO C 126 16.84 6.81 13.02
N LYS C 127 16.73 7.23 14.27
CA LYS C 127 15.42 7.52 14.89
C LYS C 127 14.77 8.73 14.20
N LEU C 128 13.57 8.53 13.65
CA LEU C 128 12.87 9.57 12.91
C LEU C 128 11.88 10.38 13.73
N ALA C 129 11.37 9.77 14.81
CA ALA C 129 10.35 10.38 15.66
C ALA C 129 10.55 11.86 15.96
N PRO C 130 11.77 12.30 16.35
CA PRO C 130 11.99 13.73 16.66
C PRO C 130 11.85 14.70 15.48
N HIS C 131 11.82 14.18 14.26
CA HIS C 131 11.77 14.99 13.05
C HIS C 131 10.42 15.00 12.33
N ILE C 132 9.46 14.22 12.83
CA ILE C 132 8.20 14.00 12.10
C ILE C 132 7.35 15.24 11.94
N ASP C 133 7.15 15.97 13.03
CA ASP C 133 6.33 17.17 12.96
C ASP C 133 6.95 18.18 11.99
N ALA C 134 8.28 18.23 11.92
CA ALA C 134 8.99 19.07 10.93
C ALA C 134 8.69 18.65 9.49
N MET C 135 8.73 17.35 9.25
CA MET C 135 8.32 16.81 7.96
C MET C 135 6.90 17.19 7.60
N ARG C 136 5.96 17.02 8.53
CA ARG C 136 4.56 17.35 8.26
C ARG C 136 4.43 18.82 7.91
N ALA C 137 5.14 19.66 8.67
CA ALA C 137 5.13 21.12 8.46
C ALA C 137 5.62 21.47 7.03
N ASN C 138 6.72 20.85 6.63
CA ASN C 138 7.28 21.04 5.29
C ASN C 138 6.29 20.65 4.19
N ILE C 139 5.68 19.47 4.34
CA ILE C 139 4.77 18.93 3.34
C ILE C 139 3.50 19.78 3.27
N ALA C 140 2.96 20.16 4.44
CA ALA C 140 1.82 21.06 4.52
C ALA C 140 2.08 22.39 3.81
N ALA C 141 3.26 22.96 4.03
CA ALA C 141 3.59 24.23 3.39
C ALA C 141 3.74 24.05 1.86
N ASP C 142 4.37 22.97 1.45
CA ASP C 142 4.56 22.70 0.03
C ASP C 142 3.27 22.40 -0.72
N LEU C 143 2.31 21.75 -0.07
CA LEU C 143 1.00 21.48 -0.67
C LEU C 143 -0.08 22.53 -0.38
N ASP C 144 0.25 23.59 0.37
CA ASP C 144 -0.76 24.61 0.79
C ASP C 144 -1.92 23.94 1.52
N LEU C 145 -1.59 23.05 2.46
CA LEU C 145 -2.56 22.36 3.31
C LEU C 145 -2.35 22.73 4.77
N PRO C 146 -3.42 22.69 5.57
CA PRO C 146 -3.28 22.83 7.02
C PRO C 146 -2.64 21.57 7.60
N LEU C 147 -1.99 21.70 8.74
CA LEU C 147 -1.26 20.56 9.32
C LEU C 147 -2.16 19.34 9.53
N ASP C 148 -3.43 19.59 9.86
CA ASP C 148 -4.34 18.49 10.20
C ASP C 148 -4.77 17.64 9.00
N ARG C 149 -4.27 17.96 7.79
CA ARG C 149 -4.54 17.15 6.59
C ARG C 149 -3.28 16.44 6.05
N VAL C 150 -2.21 16.45 6.84
CA VAL C 150 -0.95 15.90 6.45
C VAL C 150 -0.46 15.03 7.58
N ASN C 151 -0.11 13.79 7.26
CA ASN C 151 0.40 12.88 8.25
C ASN C 151 1.58 12.07 7.76
N VAL C 152 2.50 11.79 8.69
CA VAL C 152 3.73 11.04 8.42
C VAL C 152 3.96 10.08 9.58
N LYS C 153 4.14 8.79 9.24
CA LYS C 153 4.33 7.70 10.22
C LYS C 153 5.69 7.02 10.06
N ALA C 154 6.25 6.52 11.17
CA ALA C 154 7.56 5.89 11.15
C ALA C 154 7.50 4.45 11.62
N LYS C 155 8.23 3.59 10.90
CA LYS C 155 8.28 2.16 11.16
C LYS C 155 9.70 1.64 10.98
N THR C 156 10.12 0.66 11.79
CA THR C 156 11.30 -0.15 11.45
C THR C 156 10.87 -1.35 10.57
N ASN C 157 11.85 -2.12 10.07
CA ASN C 157 11.53 -3.36 9.37
C ASN C 157 11.86 -4.57 10.22
N GLU C 158 11.97 -4.38 11.52
CA GLU C 158 12.24 -5.47 12.48
C GLU C 158 13.42 -6.34 12.01
N LYS C 159 14.43 -5.64 11.49
CA LYS C 159 15.69 -6.26 11.09
C LYS C 159 15.58 -7.26 9.92
N LEU C 160 14.47 -7.23 9.18
CA LEU C 160 14.30 -8.10 8.01
C LEU C 160 14.69 -7.43 6.71
N GLY C 161 15.32 -8.21 5.83
CA GLY C 161 15.69 -7.77 4.51
C GLY C 161 16.64 -6.58 4.45
N TYR C 162 16.74 -6.03 3.25
CA TYR C 162 17.62 -4.91 3.00
C TYR C 162 17.30 -3.68 3.86
N LEU C 163 16.01 -3.43 4.15
CA LEU C 163 15.65 -2.31 5.03
C LEU C 163 16.15 -2.65 6.43
N GLY C 164 15.98 -3.92 6.82
CA GLY C 164 16.38 -4.38 8.14
C GLY C 164 17.87 -4.26 8.35
N ARG C 165 18.63 -4.40 7.26
CA ARG C 165 20.09 -4.31 7.33
C ARG C 165 20.60 -2.86 7.16
N GLY C 166 19.68 -1.90 7.00
CA GLY C 166 19.98 -0.50 6.78
C GLY C 166 20.64 -0.25 5.45
N GLU C 167 20.23 -1.00 4.43
CA GLU C 167 20.78 -0.81 3.07
C GLU C 167 19.96 0.20 2.25
N GLY C 168 18.73 0.44 2.67
CA GLY C 168 17.90 1.51 2.07
C GLY C 168 16.79 1.94 3.01
N ILE C 169 15.98 2.91 2.56
CA ILE C 169 14.84 3.40 3.31
C ILE C 169 13.66 3.51 2.33
N GLU C 170 12.50 3.04 2.75
CA GLU C 170 11.30 2.99 1.91
C GLU C 170 10.32 4.02 2.43
N ALA C 171 9.49 4.56 1.54
CA ALA C 171 8.31 5.31 1.93
C ALA C 171 7.10 4.88 1.10
N GLN C 172 5.96 4.99 1.76
CA GLN C 172 4.65 4.66 1.22
C GLN C 172 3.77 5.87 1.45
N ALA C 173 2.87 6.15 0.53
CA ALA C 173 1.96 7.24 0.71
C ALA C 173 0.60 6.97 0.14
N ALA C 174 -0.38 7.64 0.72
CA ALA C 174 -1.74 7.65 0.20
C ALA C 174 -2.24 9.10 0.11
N ALA C 175 -2.99 9.43 -0.93
CA ALA C 175 -3.55 10.77 -1.11
C ALA C 175 -4.99 10.68 -1.54
N LEU C 176 -5.81 11.58 -0.98
CA LEU C 176 -7.14 11.82 -1.44
C LEU C 176 -7.28 13.22 -2.05
N VAL C 177 -7.86 13.28 -3.25
CA VAL C 177 -8.13 14.55 -3.92
C VAL C 177 -9.58 14.63 -4.38
N VAL C 178 -10.02 15.81 -4.74
CA VAL C 178 -11.35 15.97 -5.30
C VAL C 178 -11.30 16.88 -6.53
N ARG C 179 -12.10 16.54 -7.53
CA ARG C 179 -12.31 17.39 -8.70
C ARG C 179 -13.50 18.31 -8.46
#